data_7ZFW
#
_entry.id   7ZFW
#
_cell.length_a   1.00
_cell.length_b   1.00
_cell.length_c   1.00
_cell.angle_alpha   90.00
_cell.angle_beta   90.00
_cell.angle_gamma   90.00
#
_symmetry.space_group_name_H-M   'P 1'
#
_entity_poly.entity_id   1
_entity_poly.type   'polyribonucleotide'
_entity_poly.pdbx_seq_one_letter_code
;CGCGACCUCAGAUCAGACGUGGCGACCCGCUGAAUUUAAGCAUAUUAGUCAGCGGAGGAGAAGAAACUAACCAGGAUUCC
CUCAGUAACGGCGAGUGAACAGGGAAGAGCCCAGCGCCGAAUCCCCGCCCCGCGGCGGGGCGCGGGACAUGUGGCGUACG
GAAGACCCGCUCCCCGGCGCCGCUCGUGGGGGGCCCAAGUCCUUCUGAUCGAGGCCCAGCCCGUGGACGGUGUGAGGCCG
GUAGCGGCCCCCGGCGCGCCGGGCCCGGGUCUUCCCGGAGUCGGGUUGCUUGGGAAUGCAGCCCAAAGCGGGUGGUAAAC
UCCAUCUAAGGCUAAAUACCGGCACGAGACCGAUAGUCAACAAGUACCGUAA(OMG)GGAAAGUUGAAAAGAACUUUGAA
G(A2M)GAGAGUUCAAGAGGGCGUGAAACCGUUAAGAGGUAAACGGGUGGGGUCCGCGCAGUCCGCCCGGAGGAUUCAAC
CCGGCGGCGGGUCCGGCCGUGUCGGCGGCCCGGCGGAUCUUUCCCGCGCGGGGGACCGUCCCCCGACCGGCGACCGGCCG
CCGCCGGGCGCAUUUCCACCGCGGCGGUGCGCCGCGACCGGCUCCGGGACGGCU(2MG)GGGAAGGCCCGGCGGGGAAGG
UGGCUCGGGGGCCCCCGAGUGUUACAGCCCCCCCGGCAGCAGCACUCGCCGAAUCCCGGGGCCGAGGGAGCGAGACCCGU
CGCCGCGCUCUCCCCCCUCCCGGCGCGCCGGGGGGGGCCGGGCCACCCCUCCCACGGCGCGACCGCUCGGGGCGGACUGU
CCCCAGUGCGCCCCGGGCGGGUCGCGCCGUCGGGCCCGGGGGAGGCCACGCGCGCGUCCCCCGAAGAGGGGGACGGCGGA
GCGAGCGCACGGGGUCGGCGGCGACGUCGGCUACCCACCCGACCCGUCUUGAAACACGGACCAAGGAGUCUAACACGUGC
GCGAGUCGGGGGCUCGCACGAAAGCCGCCGUGGCGCAAUGAAGGUGAAGGCCGGCGCGCUCGCCGGCCGAGGUGGGAUCC
CGAGGCCUCUCCAGUCCGCCGAGGGCGCACCACCGGCCCGUCUCGCCCGCCGCGCCGGGGAGGUGGAGCACGAGCGCACG
UGUUAGGACCCGAAAGAUGGUGAACUAUGCCUGGGCAGGGCGAAGCCAGAGGAAACUCUGGUGGAGGUCCGUAGCGGUCC
UGACGUGCAAAUCGGUCGUCCGACCUGGGUAUAGGGGCGAAAGACUAAUCGAACCAUCUAGUAGCUGGUUCCCUCCGAAG
UUUCCCUCAGGAUAGCUGGCGCUCUCGCAGACCCGACGCCCGCCACGCAGUUUUAUCCGGUAAAGCGAAUGAUUAGAGGU
CUUGGGGCCGAAACGAUCUCAACCUAUUCUCAAACUUUAAAUGGGUAAGAAGCCCGGCUCGCUGGCGUGGAGCCGGGCGU
GGAAUGCGAGUGCCUAGUGGGCCACUUUUGGUAAGCAGAACUGGCGCUGCGGGAUGAACCGAACGCCGGGUUAAGGCGCC
CGAUGCCGACGCUCAUCAGACCCCAGAAAAGGUGUUGGUUGAUAUAGACAGCAGGACGGUGGCCAUGGAAGUCGGAAUCC
GCUAAGGAGUGUGUAACAACUCACCUGCCGAAUCAACUAGCCCUGAAAAUGGAUGGCGCUGGAGCGUCGGGCCCAUACCC
GGCCGUCGCCGGCAGUCGAGAGUGGACGGGAGCGGCGGGCCGGAGCCCCGCGGACGCUACGCCGCGACGAGUAGGAGGGC
CGCUGCGGUGAGCCUUGAAGCCUAGGGCGCGGGCCCGGGUGGAGCCGCCGCAGGUGCAGAUCUUGGUGGUAGUAGCAAAU
AUUCAAACGAGAACUUUGAAGGCCGAAGUGGAGAAGGGUUCCAUGUGAACAGCAGUUGAACAUGGGUCAGUCGGUCCUGA
GAGAUGGGCGAGCGCCGUUCCGAAGGGACGGGCGAUGGCCUCCGUUGCCCUCGGCCGAUCGAAAGGGAGUCGGGUUCAGA
UCCCCGAAUCCGGAGUGGCGGAGAUGGGCGCCGCGAGGCGUCCAGUGCGGUAACGCGACCGAUCCCGGAGAAGCCGGCGG
GAGCCCCGGGGAGAGUUCUCUUUUCUUUGUGAAGGGCAGGGCGCCCUGGAAUGGGUUCGCCCCGAGAGAGGGGCCCGUGC
CUUGGAAAGCGUCGCGGUUCCGGCGGCGUCCGGUGAGCUCUCGCUGGCCCUUGAAAAUCCGGGGGAGAGGGUGUAAAUCU
CGCGCCGGGCCGUACCCAUAUCCGCAGCAGGUCUCCAAGGUGAACAGCCUCUGGCAUGUUGGAACAAUGUAGGUAAGGGA
AGUCGGCAAGCCGGAUCCGUAACUUCGGGAUAAGGAUUGGCUCUAAGGGCUGGGUCGGUCGCGGCCGGCGCCUAGCAGCC
GACUUAGAACUGGUGCGGACCAGGGGAAUCCGACUGUUUAAUUAAAACAAAGCAUCGCGAAGGCCCGCGGCGGGUGUUGA
CGCGAUGUGAUUUCUGCCCAGUGCUCUGAAUGUCAAAGUGAAGAAAUUCAAUGAAGCGCGGGUAAACGGCGGGAGUAACU
AUGACUCUCUUAAGGUAGCCAAAUGCCUCGUCAUCUAAUUAGUGACGCGCAUGAAUGGAUGAACGAGAUUCCCACUGUCC
CUACCUACUAUCCAGCGAAACCACAGCCAAGGGAACGGGCUUGGCGGAAUCAGCGGGGAAAGAAGACCCUGUUGAGCUUG
ACUCUAGUCUGGCACGGUGAAGAGACAUGAGAGGUGUAGAAUAAGUGGGAGGCCCCCGGCGCCCCCCCGGUGUCCCCGCG
AGGGGCCCGGGGCGGGGUCCGCCGGCCCUGCGGGCCGCCGGUGAAAUACCACUACUCUGAUCGUUUUUUCACUGACCCGG
UGAGGCGGGGGGGCGAGCCCCGAGGGGCUCUCGCUUCUGGCGCCAAGCGCCCGGCCGCGCGCCGGCCGGGCGCGACCCGC
UCCGGGGACAGUGCCAGGUGGGGAGUUUGACUGGGGCGGUACACCUGUCAAACGGUAACGCAGGUGUCCUAAGGCGAGCU
CAGGGAGGACAGAAACCUCCCGUGGAGCAGAAGGGCAAAAGCUCGCUUGAUCUUGAUUUUCAGUACGAAUACAGACCGUG
AAAGCGGGGCCUCACGAUCCUUCUGACCUUUUGGGUUUUAAGCAGGAGGUGUCAGAAAAGUUACCACAGGGAUAACUGGC
UUGUGGCGGCCAAGCGUUCAUAGCGACGUCGCUUUUUGAUCCUUCGAUGUCGGCUCUUCCUAUCAUUGUGAAGCAGAAUU
CACCAAGCGUUGGAUUGUUCACCCACUAAUAGGGAACGUGAGCUGGGUUUAGACCGUCGUGAGACAGGUUAGUUUUACCC
UACUGAUGAUGUGUUGUUGCCAUGGUAAUCCUGCUCAGUACGAGAGGAACCGCAGGUUCAGACAUUUGGUGUAUGUGCUU
GGCUGAGGAGCCAAUGGGGCGAAGCUACCAUCUGUGGGAUUAUGACUGAACGCCUCUAAGUCAGAAUCCCGCCCAGGCGG
AACGAUACGGCAGCGCCGCGGAGCCUCGGUUGGCCUCGGAUAGCCGGUCCCCCGCCGGGGUCCGGUGCGGAGUGCCCUUC
GUCCUGGGAAACGGGGCGCGGCCGGAGAGGCGGCCGCCCCCUCGCCCGUCACGCACCGCACGUUCGUGGGGAACCUGGCG
CUAAACCAUUCGUAGACGACCUGCUUCUGGGUCGGGGUUUCGUACGUAGCAGAGCAGCUCCCUCGCUGCGAUCUAUUGAA
AGUCAGCCCUCGACACAAGGGUUUGU
;
_entity_poly.pdbx_strand_id   L5
#
loop_
_chem_comp.id
_chem_comp.type
_chem_comp.name
_chem_comp.formula
2MG RNA linking 2N-METHYLGUANOSINE-5'-MONOPHOSPHATE 'C11 H16 N5 O8 P'
A RNA linking ADENOSINE-5'-MONOPHOSPHATE 'C10 H14 N5 O7 P'
A2M RNA linking '2'-O-methyladenosine 5'-(dihydrogen phosphate)' 'C11 H16 N5 O7 P'
C RNA linking CYTIDINE-5'-MONOPHOSPHATE 'C9 H14 N3 O8 P'
G RNA linking GUANOSINE-5'-MONOPHOSPHATE 'C10 H14 N5 O8 P'
OMG RNA linking O2'-METHYLGUANOSINE-5'-MONOPHOSPHATE 'C11 H16 N5 O8 P'
U RNA linking URIDINE-5'-MONOPHOSPHATE 'C9 H13 N2 O9 P'
#
# COMPACT_ATOMS: atom_id res chain seq x y z
P OMG A 373 25.14 -26.38 35.39
OP1 OMG A 373 24.43 -27.15 36.44
OP2 OMG A 373 25.60 -27.18 34.25
O5' OMG A 373 24.27 -25.15 34.86
C5' OMG A 373 23.54 -25.23 33.65
C4' OMG A 373 24.07 -24.15 32.73
O4' OMG A 373 25.44 -24.40 32.45
C3' OMG A 373 23.43 -24.13 31.36
O3' OMG A 373 22.15 -23.49 31.32
C2' OMG A 373 24.49 -23.40 30.58
O2' OMG A 373 24.43 -22.00 30.79
CM2 OMG A 373 25.30 -21.29 29.91
C1' OMG A 373 25.79 -23.90 31.17
N9 OMG A 373 26.21 -24.99 30.28
C8 OMG A 373 26.28 -26.29 30.57
N7 OMG A 373 26.69 -26.99 29.49
C5 OMG A 373 26.87 -26.12 28.49
C6 OMG A 373 27.29 -26.17 27.08
O6 OMG A 373 27.58 -27.25 26.54
N1 OMG A 373 27.35 -25.02 26.40
C2 OMG A 373 27.04 -23.85 26.96
N2 OMG A 373 27.12 -22.73 26.21
N3 OMG A 373 26.65 -23.73 28.23
C4 OMG A 373 26.55 -24.81 29.03
P A2M A 398 24.96 -37.11 -12.79
OP1 A2M A 398 24.02 -36.44 -11.83
O5' A2M A 398 24.78 -36.45 -14.25
C5' A2M A 398 24.29 -35.13 -14.38
C4' A2M A 398 24.57 -34.61 -15.78
O4' A2M A 398 25.78 -35.16 -16.32
C3' A2M A 398 23.51 -35.03 -16.79
O3' A2M A 398 22.34 -34.22 -16.72
C2' A2M A 398 24.25 -34.88 -18.09
O2' A2M A 398 24.29 -33.50 -18.46
C1' A2M A 398 25.64 -35.37 -17.72
CM' A2M A 398 25.02 -33.26 -19.66
N9 A2M A 398 25.76 -36.81 -18.06
C8 A2M A 398 25.66 -37.85 -17.21
N7 A2M A 398 25.84 -39.02 -17.86
C5 A2M A 398 26.06 -38.75 -19.15
C6 A2M A 398 26.31 -39.53 -20.38
N6 A2M A 398 26.37 -40.88 -20.36
N1 A2M A 398 26.48 -38.85 -21.53
C2 A2M A 398 26.41 -37.51 -21.59
N3 A2M A 398 26.19 -36.74 -20.50
C4 A2M A 398 26.00 -37.29 -19.28
OP2 A2M A 398 24.74 -38.59 -12.84
P 2MG A 607 -51.13 56.93 -11.05
OP1 2MG A 607 -49.74 57.35 -10.66
OP2 2MG A 607 -51.97 56.20 -10.03
O5' 2MG A 607 -51.91 58.23 -11.52
C5' 2MG A 607 -51.19 59.36 -12.00
C4' 2MG A 607 -52.05 60.32 -12.79
O4' 2MG A 607 -51.20 61.39 -13.27
C3' 2MG A 607 -52.73 59.73 -14.02
O3' 2MG A 607 -53.92 60.47 -14.29
C2' 2MG A 607 -51.71 60.03 -15.12
O2' 2MG A 607 -52.24 60.06 -16.42
C1' 2MG A 607 -51.19 61.40 -14.69
N9 2MG A 607 -49.83 61.69 -15.14
C8 2MG A 607 -49.45 62.67 -15.97
N7 2MG A 607 -48.11 62.65 -16.18
C5 2MG A 607 -47.61 61.64 -15.45
C6 2MG A 607 -46.27 61.06 -15.20
O6 2MG A 607 -45.26 61.53 -15.75
N1 2MG A 607 -46.18 60.01 -14.38
C2 2MG A 607 -47.25 59.48 -13.77
N2 2MG A 607 -47.08 58.43 -12.95
CM2 2MG A 607 -47.70 57.15 -13.26
N3 2MG A 607 -48.51 59.96 -13.95
C4 2MG A 607 -48.74 61.01 -14.77
#